data_3E7Q
#
_entry.id   3E7Q
#
_cell.length_a   160.613
_cell.length_b   53.706
_cell.length_c   57.080
_cell.angle_alpha   90.00
_cell.angle_beta   90.00
_cell.angle_gamma   90.00
#
_symmetry.space_group_name_H-M   'P 21 21 2'
#
loop_
_entity.id
_entity.type
_entity.pdbx_description
1 polymer 'transcriptional regulator'
2 water water
#
_entity_poly.entity_id   1
_entity_poly.type   'polypeptide(L)'
_entity_poly.pdbx_seq_one_letter_code
;MNQEVRFSRLEPEQRKALLIEATLACLKRHGFQGASVRKICAEAGVSVGLINHHYDGKDALVAEAYLAVTGRVMRLLRGA
IDTAPGGARPRLSAFFEASFSAELLDPQLLDAWLAFWGAVGSIEAIGRVHDHSYGEYRALLVGVLRQLAEEGGWADFDAE
LAAISLSALLDGLWLESGLNPATFTPRQGVQICEAWVDGLEAGAHRRFRRAMEAC
;
_entity_poly.pdbx_strand_id   A,B
#
# COMPACT_ATOMS: atom_id res chain seq x y z
N ASN A 2 -35.52 7.16 -25.42
CA ASN A 2 -34.87 5.87 -25.83
C ASN A 2 -33.80 5.35 -24.85
N GLN A 3 -33.31 6.20 -23.94
CA GLN A 3 -32.34 5.76 -22.91
C GLN A 3 -33.01 4.94 -21.78
N GLU A 4 -34.23 5.35 -21.41
CA GLU A 4 -35.02 4.70 -20.35
C GLU A 4 -35.27 3.21 -20.65
N VAL A 5 -35.52 2.88 -21.92
CA VAL A 5 -35.69 1.48 -22.33
C VAL A 5 -34.35 0.77 -22.60
N ARG A 6 -33.41 1.45 -23.24
CA ARG A 6 -32.24 0.75 -23.79
C ARG A 6 -31.27 0.24 -22.69
N PHE A 7 -31.06 1.03 -21.64
CA PHE A 7 -30.25 0.54 -20.52
C PHE A 7 -30.96 -0.62 -19.83
N SER A 8 -32.24 -0.39 -19.59
CA SER A 8 -33.06 -1.31 -18.87
C SER A 8 -33.15 -2.67 -19.57
N ARG A 9 -32.94 -2.75 -20.87
CA ARG A 9 -33.14 -4.01 -21.60
C ARG A 9 -31.90 -4.83 -21.65
N LEU A 10 -30.83 -4.28 -21.12
CA LEU A 10 -29.63 -5.04 -20.87
C LEU A 10 -29.84 -6.02 -19.72
N GLU A 11 -29.10 -7.12 -19.77
CA GLU A 11 -29.05 -8.10 -18.71
C GLU A 11 -28.60 -7.46 -17.38
N PRO A 12 -29.15 -7.91 -16.25
CA PRO A 12 -28.71 -7.37 -14.98
C PRO A 12 -27.19 -7.37 -14.77
N GLU A 13 -26.51 -8.50 -15.00
CA GLU A 13 -25.04 -8.48 -14.78
C GLU A 13 -24.31 -7.45 -15.65
N GLN A 14 -24.87 -7.20 -16.83
CA GLN A 14 -24.32 -6.28 -17.80
C GLN A 14 -24.52 -4.82 -17.42
N ARG A 15 -25.73 -4.42 -17.05
CA ARG A 15 -25.97 -3.10 -16.39
C ARG A 15 -25.04 -2.85 -15.21
N LYS A 16 -24.97 -3.83 -14.32
CA LYS A 16 -24.11 -3.71 -13.15
C LYS A 16 -22.62 -3.50 -13.55
N ALA A 17 -22.13 -4.28 -14.52
CA ALA A 17 -20.73 -4.19 -14.94
C ALA A 17 -20.41 -2.85 -15.59
N LEU A 18 -21.35 -2.29 -16.32
CA LEU A 18 -21.15 -1.01 -16.96
C LEU A 18 -21.07 0.15 -15.93
N LEU A 19 -21.89 0.08 -14.89
CA LEU A 19 -21.81 1.09 -13.84
C LEU A 19 -20.57 0.93 -13.04
N ILE A 20 -20.13 -0.31 -12.75
CA ILE A 20 -18.90 -0.41 -11.96
C ILE A 20 -17.68 0.08 -12.78
N GLU A 21 -17.68 -0.19 -14.09
CA GLU A 21 -16.65 0.31 -14.96
C GLU A 21 -16.59 1.87 -15.03
N ALA A 22 -17.75 2.51 -15.04
CA ALA A 22 -17.82 3.97 -14.96
C ALA A 22 -17.40 4.54 -13.58
N THR A 23 -17.72 3.85 -12.50
CA THR A 23 -17.29 4.24 -11.17
C THR A 23 -15.78 4.14 -11.07
N LEU A 24 -15.21 3.07 -11.59
CA LEU A 24 -13.77 2.93 -11.57
C LEU A 24 -13.10 4.02 -12.40
N ALA A 25 -13.63 4.34 -13.58
CA ALA A 25 -13.02 5.37 -14.42
C ALA A 25 -13.03 6.76 -13.79
N CYS A 26 -14.17 7.11 -13.20
CA CYS A 26 -14.29 8.36 -12.45
C CYS A 26 -13.41 8.46 -11.16
N LEU A 27 -13.31 7.34 -10.43
CA LEU A 27 -12.37 7.27 -9.31
C LEU A 27 -10.93 7.49 -9.83
N LYS A 28 -10.56 6.85 -10.93
CA LYS A 28 -9.23 7.14 -11.50
C LYS A 28 -9.01 8.62 -11.88
N ARG A 29 -9.98 9.21 -12.59
CA ARG A 29 -9.89 10.59 -13.07
C ARG A 29 -10.06 11.63 -11.96
N HIS A 30 -10.95 11.38 -11.02
CA HIS A 30 -11.31 12.42 -10.10
C HIS A 30 -11.01 12.16 -8.63
N GLY A 31 -10.53 10.96 -8.32
CA GLY A 31 -10.35 10.55 -6.96
C GLY A 31 -11.72 10.28 -6.34
N PHE A 32 -11.72 9.65 -5.18
CA PHE A 32 -12.95 9.39 -4.47
C PHE A 32 -13.72 10.69 -4.17
N GLN A 33 -13.01 11.74 -3.77
CA GLN A 33 -13.70 12.98 -3.39
C GLN A 33 -14.32 13.69 -4.60
N GLY A 34 -13.80 13.49 -5.80
CA GLY A 34 -14.36 14.15 -6.97
C GLY A 34 -15.40 13.35 -7.72
N ALA A 35 -15.41 12.05 -7.48
CA ALA A 35 -16.43 11.23 -8.06
C ALA A 35 -17.75 11.79 -7.53
N SER A 36 -18.73 11.84 -8.40
CA SER A 36 -20.12 12.22 -8.01
C SER A 36 -20.98 11.24 -8.77
N VAL A 37 -22.22 11.05 -8.37
CA VAL A 37 -23.12 10.25 -9.21
C VAL A 37 -23.34 10.93 -10.58
N ARG A 38 -23.42 12.27 -10.62
CA ARG A 38 -23.50 12.93 -11.92
C ARG A 38 -22.34 12.61 -12.88
N LYS A 39 -21.12 12.55 -12.40
CA LYS A 39 -19.98 12.17 -13.27
C LYS A 39 -20.07 10.71 -13.71
N ILE A 40 -20.34 9.84 -12.73
CA ILE A 40 -20.41 8.40 -12.98
C ILE A 40 -21.47 8.10 -14.06
N CYS A 41 -22.61 8.77 -14.01
CA CYS A 41 -23.66 8.51 -14.98
C CYS A 41 -23.39 9.06 -16.35
N ALA A 42 -22.73 10.22 -16.44
CA ALA A 42 -22.26 10.79 -17.73
C ALA A 42 -21.16 9.93 -18.37
N GLU A 43 -20.30 9.38 -17.54
CA GLU A 43 -19.30 8.38 -17.97
C GLU A 43 -19.97 7.09 -18.49
N ALA A 44 -20.88 6.53 -17.71
CA ALA A 44 -21.72 5.35 -18.08
C ALA A 44 -22.62 5.58 -19.28
N GLY A 45 -22.99 6.85 -19.54
CA GLY A 45 -23.97 7.14 -20.57
C GLY A 45 -25.40 6.84 -20.13
N VAL A 46 -25.68 6.87 -18.81
CA VAL A 46 -27.05 6.70 -18.33
C VAL A 46 -27.58 7.89 -17.51
N SER A 47 -28.89 7.89 -17.28
CA SER A 47 -29.53 9.01 -16.64
C SER A 47 -29.36 8.85 -15.14
N VAL A 48 -29.32 9.97 -14.45
CA VAL A 48 -29.07 10.00 -13.03
C VAL A 48 -30.33 9.52 -12.29
N GLY A 49 -31.50 9.87 -12.80
CA GLY A 49 -32.75 9.43 -12.21
C GLY A 49 -32.92 7.92 -12.24
N LEU A 50 -32.52 7.31 -13.37
CA LEU A 50 -32.43 5.86 -13.50
C LEU A 50 -31.56 5.26 -12.36
N ILE A 51 -30.40 5.85 -12.12
CA ILE A 51 -29.47 5.34 -11.09
C ILE A 51 -29.93 5.62 -9.63
N ASN A 52 -30.60 6.76 -9.39
CA ASN A 52 -31.05 7.10 -8.01
C ASN A 52 -31.89 5.97 -7.41
N HIS A 53 -32.61 5.28 -8.28
CA HIS A 53 -33.49 4.16 -7.94
C HIS A 53 -32.73 2.93 -7.42
N HIS A 54 -31.54 2.68 -7.97
CA HIS A 54 -30.78 1.48 -7.63
C HIS A 54 -29.69 1.72 -6.60
N TYR A 55 -29.29 2.97 -6.46
CA TYR A 55 -28.15 3.34 -5.63
C TYR A 55 -28.46 4.57 -4.83
N ASP A 56 -28.07 4.55 -3.57
CA ASP A 56 -28.23 5.70 -2.68
C ASP A 56 -27.49 6.97 -3.12
N GLY A 57 -26.31 6.80 -3.70
CA GLY A 57 -25.40 7.90 -3.97
C GLY A 57 -24.04 7.35 -4.36
N LYS A 58 -23.05 8.24 -4.36
CA LYS A 58 -21.66 7.97 -4.67
C LYS A 58 -21.11 6.86 -3.78
N ASP A 59 -21.31 6.94 -2.45
CA ASP A 59 -20.80 5.89 -1.54
C ASP A 59 -21.23 4.46 -1.97
N ALA A 60 -22.51 4.31 -2.31
CA ALA A 60 -23.10 3.04 -2.75
C ALA A 60 -22.55 2.51 -4.05
N LEU A 61 -22.29 3.41 -5.00
CA LEU A 61 -21.68 3.04 -6.29
C LEU A 61 -20.26 2.56 -6.09
N VAL A 62 -19.52 3.33 -5.30
CA VAL A 62 -18.13 3.06 -5.00
C VAL A 62 -17.96 1.73 -4.26
N ALA A 63 -18.86 1.50 -3.29
CA ALA A 63 -18.86 0.25 -2.55
C ALA A 63 -19.14 -0.96 -3.45
N GLU A 64 -20.08 -0.82 -4.38
CA GLU A 64 -20.35 -1.90 -5.28
C GLU A 64 -19.14 -2.17 -6.17
N ALA A 65 -18.42 -1.14 -6.58
CA ALA A 65 -17.24 -1.35 -7.42
C ALA A 65 -16.08 -2.06 -6.67
N TYR A 66 -15.92 -1.70 -5.40
CA TYR A 66 -14.91 -2.24 -4.53
C TYR A 66 -15.26 -3.67 -4.20
N LEU A 67 -16.53 -3.93 -3.87
CA LEU A 67 -17.05 -5.31 -3.69
C LEU A 67 -16.77 -6.25 -4.86
N ALA A 68 -16.95 -5.74 -6.09
CA ALA A 68 -16.72 -6.52 -7.31
C ALA A 68 -15.24 -6.78 -7.64
N VAL A 69 -14.41 -5.77 -7.45
CA VAL A 69 -12.98 -5.88 -7.70
C VAL A 69 -12.37 -6.85 -6.70
N THR A 70 -12.74 -6.74 -5.43
CA THR A 70 -12.18 -7.61 -4.40
C THR A 70 -12.72 -9.03 -4.55
N GLY A 71 -14.00 -9.14 -4.88
CA GLY A 71 -14.64 -10.44 -5.20
C GLY A 71 -13.90 -11.17 -6.32
N ARG A 72 -13.52 -10.43 -7.35
CA ARG A 72 -12.75 -10.99 -8.44
C ARG A 72 -11.40 -11.55 -8.00
N VAL A 73 -10.67 -10.79 -7.22
CA VAL A 73 -9.39 -11.25 -6.66
C VAL A 73 -9.51 -12.54 -5.86
N MET A 74 -10.46 -12.52 -4.94
CA MET A 74 -10.82 -13.65 -4.11
C MET A 74 -11.23 -14.89 -4.94
N ARG A 75 -11.99 -14.73 -6.00
CA ARG A 75 -12.28 -15.87 -6.84
C ARG A 75 -11.04 -16.47 -7.52
N LEU A 76 -10.15 -15.63 -8.03
CA LEU A 76 -8.89 -16.10 -8.64
C LEU A 76 -7.96 -16.76 -7.63
N LEU A 77 -7.87 -16.22 -6.44
CA LEU A 77 -7.00 -16.78 -5.39
C LEU A 77 -7.58 -18.06 -4.79
N ARG A 78 -8.89 -18.06 -4.53
CA ARG A 78 -9.55 -19.29 -4.08
C ARG A 78 -9.48 -20.39 -5.14
N GLY A 79 -9.75 -20.02 -6.39
CA GLY A 79 -9.58 -20.90 -7.55
C GLY A 79 -8.20 -21.54 -7.64
N ALA A 80 -7.15 -20.75 -7.43
CA ALA A 80 -5.73 -21.22 -7.43
C ALA A 80 -5.44 -22.31 -6.38
N ILE A 81 -5.88 -22.04 -5.15
CA ILE A 81 -5.81 -23.00 -4.08
C ILE A 81 -6.66 -24.26 -4.35
N ASP A 82 -7.85 -24.05 -4.87
CA ASP A 82 -8.83 -25.10 -5.02
C ASP A 82 -8.43 -26.09 -6.08
N THR A 83 -7.54 -25.68 -7.00
CA THR A 83 -7.07 -26.55 -8.10
C THR A 83 -5.66 -27.05 -7.87
N ALA A 84 -5.04 -26.66 -6.76
CA ALA A 84 -3.69 -27.13 -6.41
C ALA A 84 -3.79 -28.51 -5.75
N PRO A 85 -2.88 -29.44 -6.09
CA PRO A 85 -2.75 -30.76 -5.44
C PRO A 85 -2.10 -30.98 -4.00
N GLY A 86 -0.87 -31.47 -3.96
CA GLY A 86 -0.32 -32.16 -2.78
C GLY A 86 -0.02 -31.36 -1.52
N GLY A 87 -1.01 -30.74 -0.90
CA GLY A 87 -0.77 -30.19 0.44
C GLY A 87 -0.41 -28.71 0.50
N ALA A 88 0.05 -28.30 1.66
CA ALA A 88 0.12 -26.89 2.03
C ALA A 88 1.05 -26.04 1.16
N ARG A 89 2.26 -26.52 0.83
CA ARG A 89 3.22 -25.72 0.02
C ARG A 89 2.87 -25.62 -1.46
N PRO A 90 2.48 -26.73 -2.12
CA PRO A 90 1.89 -26.58 -3.45
C PRO A 90 0.70 -25.60 -3.49
N ARG A 91 -0.10 -25.55 -2.43
CA ARG A 91 -1.20 -24.62 -2.40
C ARG A 91 -0.72 -23.22 -2.25
N LEU A 92 0.26 -22.97 -1.36
CA LEU A 92 0.81 -21.61 -1.20
C LEU A 92 1.44 -21.13 -2.51
N SER A 93 2.19 -21.99 -3.17
CA SER A 93 2.81 -21.70 -4.46
C SER A 93 1.83 -21.32 -5.54
N ALA A 94 0.75 -22.09 -5.63
CA ALA A 94 -0.34 -21.80 -6.57
C ALA A 94 -0.89 -20.40 -6.31
N PHE A 95 -1.08 -20.08 -5.04
CA PHE A 95 -1.48 -18.74 -4.59
C PHE A 95 -0.45 -17.66 -5.01
N PHE A 96 0.82 -17.93 -4.73
CA PHE A 96 1.86 -16.95 -5.06
C PHE A 96 1.93 -16.70 -6.58
N GLU A 97 1.84 -17.77 -7.37
CA GLU A 97 1.83 -17.65 -8.84
C GLU A 97 0.66 -16.83 -9.33
N ALA A 98 -0.53 -17.11 -8.85
CA ALA A 98 -1.69 -16.32 -9.19
C ALA A 98 -1.52 -14.83 -8.82
N SER A 99 -0.97 -14.58 -7.64
CA SER A 99 -0.73 -13.23 -7.11
C SER A 99 0.19 -12.40 -8.01
N PHE A 100 1.18 -13.03 -8.62
CA PHE A 100 2.08 -12.35 -9.49
C PHE A 100 1.82 -12.65 -10.99
N SER A 101 0.65 -13.21 -11.33
CA SER A 101 0.17 -13.34 -12.74
C SER A 101 -0.28 -11.99 -13.25
N ALA A 102 -0.35 -11.88 -14.57
CA ALA A 102 -0.73 -10.60 -15.22
C ALA A 102 -2.12 -10.13 -14.77
N GLU A 103 -3.06 -11.06 -14.68
CA GLU A 103 -4.38 -10.78 -14.14
C GLU A 103 -4.27 -9.92 -12.88
N LEU A 104 -3.55 -10.37 -11.86
CA LEU A 104 -3.55 -9.66 -10.56
C LEU A 104 -2.49 -8.58 -10.39
N LEU A 105 -1.39 -8.70 -11.12
CA LEU A 105 -0.24 -7.81 -10.98
C LEU A 105 -0.37 -6.58 -11.84
N ASP A 106 -1.18 -6.61 -12.87
CA ASP A 106 -1.33 -5.46 -13.73
C ASP A 106 -1.90 -4.26 -12.97
N PRO A 107 -1.18 -3.11 -13.00
CA PRO A 107 -1.55 -1.93 -12.20
C PRO A 107 -2.68 -1.08 -12.79
N GLN A 108 -3.36 -1.58 -13.80
CA GLN A 108 -4.53 -0.86 -14.31
C GLN A 108 -5.39 -0.22 -13.22
N LEU A 109 -5.78 -0.97 -12.20
CA LEU A 109 -6.71 -0.46 -11.20
C LEU A 109 -6.11 0.28 -9.95
N LEU A 110 -4.77 0.49 -9.94
CA LEU A 110 -4.03 0.92 -8.77
C LEU A 110 -4.63 2.19 -8.25
N ASP A 111 -4.95 3.11 -9.14
CA ASP A 111 -5.50 4.38 -8.68
C ASP A 111 -6.84 4.15 -8.00
N ALA A 112 -7.53 3.07 -8.38
CA ALA A 112 -8.88 2.68 -7.85
C ALA A 112 -8.72 2.17 -6.43
N TRP A 113 -7.88 1.13 -6.31
CA TRP A 113 -7.35 0.66 -5.02
C TRP A 113 -6.91 1.77 -4.10
N LEU A 114 -6.09 2.66 -4.63
CA LEU A 114 -5.66 3.81 -3.88
C LEU A 114 -6.82 4.70 -3.44
N ALA A 115 -7.75 4.93 -4.37
CA ALA A 115 -8.99 5.67 -4.07
C ALA A 115 -9.84 4.92 -3.03
N PHE A 116 -9.98 3.62 -3.17
CA PHE A 116 -10.71 2.83 -2.20
C PHE A 116 -10.07 2.98 -0.79
N TRP A 117 -8.78 2.71 -0.69
CA TRP A 117 -8.07 2.79 0.55
C TRP A 117 -8.17 4.15 1.22
N GLY A 118 -8.09 5.23 0.44
CA GLY A 118 -8.36 6.55 0.97
C GLY A 118 -9.74 6.76 1.60
N ALA A 119 -10.75 6.13 1.03
CA ALA A 119 -12.12 6.29 1.51
C ALA A 119 -12.42 5.40 2.71
N VAL A 120 -11.60 4.38 2.94
CA VAL A 120 -11.84 3.47 4.06
C VAL A 120 -12.01 4.19 5.39
N GLY A 121 -11.23 5.25 5.60
CA GLY A 121 -11.15 5.88 6.92
C GLY A 121 -12.30 6.82 7.23
N SER A 122 -13.13 7.08 6.23
CA SER A 122 -14.21 8.05 6.29
C SER A 122 -15.55 7.38 6.13
N ILE A 123 -15.69 6.53 5.12
CA ILE A 123 -16.99 6.00 4.71
C ILE A 123 -17.13 4.58 5.21
N GLU A 124 -18.13 4.38 6.06
CA GLU A 124 -18.45 3.07 6.67
C GLU A 124 -18.76 2.00 5.63
N ALA A 125 -19.48 2.40 4.59
CA ALA A 125 -19.78 1.51 3.47
C ALA A 125 -18.49 0.91 2.88
N ILE A 126 -17.43 1.71 2.80
CA ILE A 126 -16.18 1.32 2.19
C ILE A 126 -15.26 0.63 3.22
N GLY A 127 -15.31 1.16 4.46
CA GLY A 127 -14.49 0.65 5.54
C GLY A 127 -14.85 -0.80 5.80
N ARG A 128 -16.15 -1.10 5.65
CA ARG A 128 -16.71 -2.43 5.86
C ARG A 128 -16.28 -3.38 4.77
N VAL A 129 -16.30 -2.94 3.50
CA VAL A 129 -15.81 -3.75 2.37
C VAL A 129 -14.34 -4.10 2.57
N HIS A 130 -13.55 -3.16 3.06
CA HIS A 130 -12.16 -3.44 3.34
C HIS A 130 -12.00 -4.54 4.43
N ASP A 131 -12.64 -4.34 5.57
CA ASP A 131 -12.56 -5.29 6.69
C ASP A 131 -13.02 -6.67 6.26
N HIS A 132 -14.15 -6.72 5.53
CA HIS A 132 -14.67 -7.98 5.04
C HIS A 132 -13.71 -8.71 4.06
N SER A 133 -13.28 -7.99 3.05
CA SER A 133 -12.42 -8.53 2.02
C SER A 133 -11.02 -8.88 2.54
N TYR A 134 -10.46 -7.99 3.36
CA TYR A 134 -9.15 -8.27 3.96
C TYR A 134 -9.22 -9.46 4.95
N GLY A 135 -10.31 -9.60 5.67
CA GLY A 135 -10.53 -10.80 6.48
C GLY A 135 -10.76 -12.10 5.71
N GLU A 136 -11.45 -12.03 4.57
CA GLU A 136 -11.71 -13.16 3.69
C GLU A 136 -10.35 -13.63 3.14
N TYR A 137 -9.55 -12.66 2.76
CA TYR A 137 -8.24 -12.86 2.18
C TYR A 137 -7.25 -13.52 3.17
N ARG A 138 -7.23 -13.02 4.39
CA ARG A 138 -6.40 -13.64 5.43
C ARG A 138 -6.95 -15.01 5.87
N ALA A 139 -8.27 -15.16 5.98
CA ALA A 139 -8.86 -16.49 6.29
C ALA A 139 -8.39 -17.58 5.33
N LEU A 140 -8.23 -17.26 4.06
CA LEU A 140 -7.70 -18.19 3.07
C LEU A 140 -6.24 -18.59 3.31
N LEU A 141 -5.43 -17.61 3.64
CA LEU A 141 -4.07 -17.87 4.05
C LEU A 141 -3.96 -18.58 5.40
N VAL A 142 -4.76 -18.18 6.38
CA VAL A 142 -4.89 -18.89 7.67
C VAL A 142 -5.17 -20.38 7.53
N GLY A 143 -6.08 -20.73 6.62
CA GLY A 143 -6.36 -22.14 6.37
C GLY A 143 -5.14 -22.94 5.92
N VAL A 144 -4.42 -22.44 4.90
CA VAL A 144 -3.29 -23.17 4.34
C VAL A 144 -2.07 -23.14 5.29
N LEU A 145 -2.01 -22.12 6.14
CA LEU A 145 -0.92 -22.02 7.13
C LEU A 145 -1.13 -22.97 8.29
N ARG A 146 -2.38 -23.18 8.66
CA ARG A 146 -2.73 -24.19 9.65
C ARG A 146 -2.44 -25.63 9.16
N GLN A 147 -2.82 -25.88 7.91
CA GLN A 147 -2.40 -27.06 7.18
C GLN A 147 -0.89 -27.23 7.22
N LEU A 148 -0.13 -26.20 6.87
CA LEU A 148 1.35 -26.22 6.96
C LEU A 148 1.89 -26.49 8.37
N ALA A 149 1.33 -25.82 9.37
CA ALA A 149 1.65 -26.12 10.78
C ALA A 149 1.39 -27.56 11.16
N GLU A 150 0.30 -28.13 10.66
CA GLU A 150 0.02 -29.53 10.96
C GLU A 150 1.07 -30.47 10.36
N GLU A 151 1.38 -30.27 9.08
CA GLU A 151 2.47 -30.97 8.43
C GLU A 151 3.79 -30.91 9.25
N GLY A 152 3.98 -29.78 9.96
CA GLY A 152 5.20 -29.42 10.69
C GLY A 152 5.72 -30.18 11.90
N GLY A 153 4.89 -30.74 12.76
CA GLY A 153 3.69 -30.15 13.25
C GLY A 153 4.09 -29.18 14.36
N TRP A 154 3.87 -27.91 14.10
CA TRP A 154 4.24 -26.84 14.99
C TRP A 154 3.23 -26.75 16.14
N ALA A 155 3.79 -26.74 17.35
CA ALA A 155 3.04 -26.99 18.58
C ALA A 155 1.84 -26.02 18.82
N ASP A 156 2.10 -24.71 18.85
CA ASP A 156 0.99 -23.73 19.01
C ASP A 156 1.33 -22.55 18.18
N PHE A 157 1.07 -22.73 16.90
CA PHE A 157 1.40 -21.73 15.91
C PHE A 157 0.25 -20.71 15.87
N ASP A 158 0.58 -19.43 16.00
CA ASP A 158 -0.37 -18.36 15.72
C ASP A 158 -0.47 -18.14 14.19
N ALA A 159 -1.34 -18.93 13.56
CA ALA A 159 -1.64 -18.83 12.15
C ALA A 159 -2.23 -17.48 11.78
N GLU A 160 -2.90 -16.81 12.71
CA GLU A 160 -3.56 -15.55 12.40
C GLU A 160 -2.51 -14.43 12.22
N LEU A 161 -1.49 -14.44 13.06
CA LEU A 161 -0.46 -13.43 13.00
C LEU A 161 0.53 -13.71 11.82
N ALA A 162 0.76 -15.00 11.56
CA ALA A 162 1.58 -15.40 10.43
C ALA A 162 0.88 -14.99 9.15
N ALA A 163 -0.45 -15.07 9.12
CA ALA A 163 -1.23 -14.63 7.94
C ALA A 163 -1.18 -13.13 7.68
N ILE A 164 -1.16 -12.32 8.75
CA ILE A 164 -0.98 -10.88 8.70
C ILE A 164 0.42 -10.58 8.11
N SER A 165 1.43 -11.35 8.51
CA SER A 165 2.79 -11.21 7.95
C SER A 165 2.86 -11.45 6.44
N LEU A 166 2.38 -12.63 6.01
CA LEU A 166 2.41 -13.00 4.59
C LEU A 166 1.51 -12.12 3.72
N SER A 167 0.30 -11.79 4.20
CA SER A 167 -0.52 -10.79 3.51
C SER A 167 0.16 -9.43 3.35
N ALA A 168 0.82 -8.95 4.42
CA ALA A 168 1.55 -7.67 4.39
C ALA A 168 2.69 -7.69 3.36
N LEU A 169 3.39 -8.81 3.31
CA LEU A 169 4.45 -8.97 2.32
C LEU A 169 3.92 -8.91 0.86
N LEU A 170 2.93 -9.73 0.56
CA LEU A 170 2.23 -9.74 -0.72
C LEU A 170 1.67 -8.36 -1.09
N ASP A 171 1.02 -7.70 -0.15
CA ASP A 171 0.52 -6.34 -0.37
C ASP A 171 1.62 -5.38 -0.79
N GLY A 172 2.71 -5.42 0.00
CA GLY A 172 3.87 -4.53 -0.18
C GLY A 172 4.50 -4.78 -1.53
N LEU A 173 4.62 -6.06 -1.89
CA LEU A 173 5.19 -6.43 -3.17
C LEU A 173 4.25 -6.03 -4.32
N TRP A 174 2.96 -6.20 -4.14
CA TRP A 174 1.99 -5.83 -5.15
C TRP A 174 2.08 -4.30 -5.37
N LEU A 175 2.17 -3.54 -4.30
CA LEU A 175 2.19 -2.10 -4.41
C LEU A 175 3.46 -1.58 -5.10
N GLU A 176 4.63 -2.08 -4.66
CA GLU A 176 5.84 -1.59 -5.23
C GLU A 176 5.97 -1.95 -6.67
N SER A 177 5.39 -3.09 -7.01
CA SER A 177 5.43 -3.51 -8.31
C SER A 177 4.63 -2.58 -9.21
N GLY A 178 3.49 -2.13 -8.72
CA GLY A 178 2.69 -1.23 -9.50
C GLY A 178 3.36 0.12 -9.61
N LEU A 179 4.06 0.58 -8.58
CA LEU A 179 4.67 1.93 -8.63
C LEU A 179 5.83 1.99 -9.60
N ASN A 180 6.59 0.91 -9.68
CA ASN A 180 7.54 0.73 -10.76
C ASN A 180 7.78 -0.78 -11.01
N PRO A 181 7.23 -1.30 -12.11
CA PRO A 181 7.30 -2.72 -12.42
C PRO A 181 8.72 -3.28 -12.66
N ALA A 182 9.72 -2.44 -12.88
CA ALA A 182 11.08 -2.88 -13.16
C ALA A 182 11.95 -3.16 -11.91
N THR A 183 11.42 -2.84 -10.74
CA THR A 183 12.16 -3.05 -9.48
C THR A 183 12.45 -4.56 -9.21
N PHE A 184 11.44 -5.39 -9.44
CA PHE A 184 11.59 -6.84 -9.46
C PHE A 184 10.55 -7.46 -10.42
N THR A 185 10.90 -8.66 -10.89
CA THR A 185 10.08 -9.39 -11.82
C THR A 185 9.04 -10.18 -11.02
N PRO A 186 7.94 -10.54 -11.68
CA PRO A 186 6.94 -11.39 -11.05
C PRO A 186 7.49 -12.68 -10.44
N ARG A 187 8.40 -13.33 -11.14
CA ARG A 187 9.14 -14.47 -10.65
C ARG A 187 9.96 -14.22 -9.37
N GLN A 188 10.58 -13.03 -9.24
CA GLN A 188 11.26 -12.64 -7.99
C GLN A 188 10.28 -12.47 -6.88
N GLY A 189 9.07 -12.06 -7.23
CA GLY A 189 7.99 -11.91 -6.28
C GLY A 189 7.61 -13.26 -5.73
N VAL A 190 7.37 -14.23 -6.61
CA VAL A 190 7.13 -15.62 -6.18
C VAL A 190 8.28 -16.12 -5.29
N GLN A 191 9.52 -15.89 -5.71
CA GLN A 191 10.73 -16.33 -5.02
C GLN A 191 10.83 -15.74 -3.59
N ILE A 192 10.57 -14.44 -3.46
CA ILE A 192 10.49 -13.79 -2.16
C ILE A 192 9.44 -14.43 -1.24
N CYS A 193 8.28 -14.76 -1.77
CA CYS A 193 7.21 -15.34 -0.96
C CYS A 193 7.55 -16.75 -0.52
N GLU A 194 8.13 -17.52 -1.44
CA GLU A 194 8.63 -18.85 -1.13
C GLU A 194 9.74 -18.83 -0.09
N ALA A 195 10.59 -17.81 -0.16
CA ALA A 195 11.63 -17.59 0.91
C ALA A 195 11.03 -17.31 2.30
N TRP A 196 9.93 -16.56 2.32
CA TRP A 196 9.22 -16.31 3.56
C TRP A 196 8.68 -17.61 4.19
N VAL A 197 8.11 -18.47 3.36
CA VAL A 197 7.59 -19.78 3.83
C VAL A 197 8.77 -20.66 4.26
N ASP A 198 9.87 -20.74 3.49
CA ASP A 198 11.12 -21.41 3.93
C ASP A 198 11.55 -20.97 5.29
N GLY A 199 11.49 -19.66 5.52
CA GLY A 199 11.88 -19.04 6.76
C GLY A 199 11.10 -19.57 7.95
N LEU A 200 9.78 -19.74 7.77
CA LEU A 200 8.94 -20.36 8.77
C LEU A 200 9.29 -21.83 9.02
N GLU A 201 9.47 -22.59 7.96
CA GLU A 201 9.75 -24.01 8.10
C GLU A 201 11.12 -24.24 8.72
N ALA A 202 12.01 -23.30 8.51
CA ALA A 202 13.33 -23.40 9.07
C ALA A 202 13.32 -23.07 10.57
N GLY A 203 12.26 -22.49 11.13
CA GLY A 203 12.18 -22.30 12.57
C GLY A 203 11.51 -21.05 13.04
N ALA A 204 11.36 -20.09 12.15
CA ALA A 204 10.61 -18.89 12.43
C ALA A 204 9.19 -19.17 12.89
N HIS A 205 8.64 -20.34 12.59
CA HIS A 205 7.33 -20.69 13.16
C HIS A 205 7.26 -20.44 14.68
N ARG A 206 8.44 -20.56 15.35
CA ARG A 206 8.59 -20.43 16.82
C ARG A 206 8.28 -19.05 17.33
N ARG A 207 8.66 -18.04 16.55
CA ARG A 207 8.26 -16.66 16.80
C ARG A 207 6.75 -16.38 16.72
N PHE A 208 6.02 -17.24 16.03
CA PHE A 208 4.57 -17.12 15.90
C PHE A 208 3.90 -18.02 16.92
N ARG A 209 4.18 -17.70 18.19
CA ARG A 209 3.98 -18.57 19.38
C ARG A 209 4.77 -19.87 19.22
N MET B 1 -6.62 37.24 6.05
CA MET B 1 -5.68 38.32 6.45
C MET B 1 -4.77 37.82 7.58
N ASN B 2 -3.87 36.94 7.18
CA ASN B 2 -2.81 36.41 8.06
C ASN B 2 -1.69 35.77 7.22
N GLN B 3 -1.78 35.93 5.89
CA GLN B 3 -0.60 35.96 5.01
C GLN B 3 0.27 37.21 5.28
N GLU B 4 -0.16 38.05 6.22
CA GLU B 4 0.58 39.26 6.57
C GLU B 4 1.69 38.94 7.56
N VAL B 5 1.36 38.15 8.57
CA VAL B 5 2.33 37.77 9.59
C VAL B 5 2.65 36.28 9.52
N ARG B 6 1.91 35.57 8.69
CA ARG B 6 2.13 34.13 8.51
C ARG B 6 2.95 33.84 7.26
N PHE B 7 2.97 34.77 6.34
CA PHE B 7 3.73 34.63 5.09
C PHE B 7 4.63 35.82 4.76
N SER B 8 4.14 37.03 5.05
CA SER B 8 4.91 38.22 4.78
C SER B 8 6.24 38.20 5.54
N ARG B 9 6.20 37.93 6.85
CA ARG B 9 7.37 38.13 7.73
C ARG B 9 8.43 37.04 7.64
N LEU B 10 8.02 35.83 7.23
CA LEU B 10 8.88 34.65 7.31
C LEU B 10 9.91 34.53 6.17
N GLU B 11 10.95 33.73 6.42
CA GLU B 11 12.01 33.43 5.45
C GLU B 11 11.46 32.47 4.37
N PRO B 12 12.10 32.42 3.18
CA PRO B 12 11.65 31.50 2.12
C PRO B 12 11.58 30.00 2.49
N GLU B 13 12.49 29.56 3.36
CA GLU B 13 12.46 28.18 3.87
C GLU B 13 11.30 27.94 4.85
N GLN B 14 10.86 29.00 5.54
CA GLN B 14 9.75 28.92 6.50
C GLN B 14 8.36 29.05 5.82
N ARG B 15 8.36 29.59 4.61
CA ARG B 15 7.16 29.71 3.81
C ARG B 15 7.04 28.48 2.93
N LYS B 16 8.19 27.87 2.61
CA LYS B 16 8.23 26.55 1.97
C LYS B 16 7.56 25.54 2.92
N ALA B 17 7.98 25.55 4.17
CA ALA B 17 7.37 24.70 5.18
C ALA B 17 5.85 24.84 5.23
N LEU B 18 5.39 26.09 5.18
CA LEU B 18 3.99 26.44 5.31
C LEU B 18 3.24 25.90 4.12
N LEU B 19 3.79 26.15 2.92
CA LEU B 19 3.24 25.61 1.68
C LEU B 19 3.20 24.06 1.63
N ILE B 20 4.24 23.38 2.16
CA ILE B 20 4.32 21.93 2.17
C ILE B 20 3.15 21.40 2.99
N GLU B 21 2.96 21.98 4.19
CA GLU B 21 1.81 21.64 5.07
C GLU B 21 0.41 21.98 4.44
N ALA B 22 0.29 23.09 3.71
CA ALA B 22 -0.96 23.39 2.96
C ALA B 22 -1.25 22.36 1.83
N THR B 23 -0.18 21.97 1.13
CA THR B 23 -0.24 20.95 0.08
C THR B 23 -0.71 19.62 0.68
N LEU B 24 -0.11 19.21 1.83
CA LEU B 24 -0.53 17.95 2.45
C LEU B 24 -2.02 17.95 2.90
N ALA B 25 -2.52 19.10 3.33
CA ALA B 25 -3.90 19.28 3.84
C ALA B 25 -4.85 19.28 2.69
N CYS B 26 -4.47 19.98 1.64
CA CYS B 26 -5.23 19.90 0.40
C CYS B 26 -5.32 18.50 -0.22
N LEU B 27 -4.22 17.73 -0.18
CA LEU B 27 -4.23 16.37 -0.70
C LEU B 27 -5.15 15.46 0.11
N LYS B 28 -5.12 15.63 1.43
CA LYS B 28 -5.96 14.88 2.37
C LYS B 28 -7.43 15.20 2.18
N ARG B 29 -7.75 16.40 1.69
CA ARG B 29 -9.16 16.82 1.49
C ARG B 29 -9.71 16.67 0.07
N HIS B 30 -8.87 16.80 -0.95
CA HIS B 30 -9.37 16.80 -2.31
C HIS B 30 -8.85 15.66 -3.12
N GLY B 31 -7.92 14.88 -2.57
CA GLY B 31 -7.09 14.01 -3.41
C GLY B 31 -6.12 14.76 -4.33
N PHE B 32 -5.21 14.01 -4.96
CA PHE B 32 -4.30 14.62 -5.92
C PHE B 32 -5.03 15.16 -7.10
N GLN B 33 -5.95 14.36 -7.65
CA GLN B 33 -6.68 14.79 -8.86
C GLN B 33 -7.48 16.08 -8.57
N GLY B 34 -8.04 16.18 -7.38
CA GLY B 34 -8.84 17.35 -7.04
C GLY B 34 -8.08 18.58 -6.52
N ALA B 35 -6.84 18.39 -6.07
CA ALA B 35 -6.02 19.51 -5.56
C ALA B 35 -5.70 20.47 -6.69
N SER B 36 -5.46 21.75 -6.36
CA SER B 36 -4.95 22.71 -7.33
C SER B 36 -4.20 23.73 -6.51
N VAL B 37 -3.43 24.60 -7.15
CA VAL B 37 -2.68 25.61 -6.44
C VAL B 37 -3.62 26.56 -5.68
N ARG B 38 -4.80 26.88 -6.26
CA ARG B 38 -5.86 27.63 -5.57
C ARG B 38 -6.32 26.93 -4.28
N LYS B 39 -6.70 25.65 -4.37
CA LYS B 39 -7.07 24.89 -3.19
C LYS B 39 -5.94 24.68 -2.15
N ILE B 40 -4.68 24.79 -2.60
CA ILE B 40 -3.50 24.72 -1.73
C ILE B 40 -3.42 26.02 -0.93
N CYS B 41 -3.53 27.14 -1.65
CA CYS B 41 -3.61 28.48 -1.02
C CYS B 41 -4.77 28.60 -0.01
N ALA B 42 -5.88 27.90 -0.31
CA ALA B 42 -7.04 27.86 0.60
C ALA B 42 -6.68 27.23 1.95
N GLU B 43 -5.78 26.25 1.94
CA GLU B 43 -5.28 25.64 3.18
C GLU B 43 -4.28 26.57 3.83
N ALA B 44 -3.33 27.14 3.06
CA ALA B 44 -2.32 28.12 3.56
C ALA B 44 -2.95 29.41 4.11
N GLY B 45 -4.19 29.69 3.69
CA GLY B 45 -4.92 30.88 4.13
C GLY B 45 -4.35 32.15 3.50
N VAL B 46 -3.72 31.97 2.32
CA VAL B 46 -3.10 33.09 1.57
C VAL B 46 -3.64 33.06 0.13
N SER B 47 -3.49 34.17 -0.60
CA SER B 47 -4.04 34.26 -1.95
C SER B 47 -3.22 33.49 -3.01
N VAL B 48 -3.92 33.14 -4.10
CA VAL B 48 -3.36 32.29 -5.17
C VAL B 48 -2.55 33.11 -6.20
N GLY B 49 -2.84 34.42 -6.27
CA GLY B 49 -1.97 35.39 -6.95
C GLY B 49 -0.56 35.22 -6.41
N LEU B 50 -0.43 35.41 -5.09
CA LEU B 50 0.81 35.19 -4.35
C LEU B 50 1.60 33.93 -4.76
N ILE B 51 0.91 32.80 -4.90
CA ILE B 51 1.60 31.49 -4.92
C ILE B 51 1.84 30.88 -6.34
N ASN B 52 0.93 31.21 -7.28
CA ASN B 52 1.21 31.18 -8.72
C ASN B 52 2.58 31.84 -8.98
N HIS B 53 2.60 33.16 -8.77
CA HIS B 53 3.80 34.00 -8.83
C HIS B 53 5.08 33.35 -8.31
N HIS B 54 5.03 32.73 -7.13
CA HIS B 54 6.24 32.19 -6.52
C HIS B 54 6.48 30.71 -6.82
N TYR B 55 5.52 30.02 -7.48
CA TYR B 55 5.69 28.59 -7.77
C TYR B 55 5.18 28.07 -9.14
N ASP B 56 5.82 26.96 -9.63
CA ASP B 56 5.67 26.50 -11.02
C ASP B 56 4.25 25.97 -11.29
N GLY B 57 3.80 25.09 -10.42
CA GLY B 57 2.45 24.56 -10.50
C GLY B 57 2.20 23.51 -9.43
N LYS B 58 1.07 22.84 -9.57
CA LYS B 58 0.65 21.84 -8.66
C LYS B 58 1.66 20.68 -8.62
N ASP B 59 1.99 20.09 -9.76
CA ASP B 59 2.92 18.97 -9.76
C ASP B 59 4.16 19.27 -8.90
N ALA B 60 4.74 20.44 -9.07
CA ALA B 60 5.92 20.86 -8.37
C ALA B 60 5.72 21.04 -6.85
N LEU B 61 4.54 21.51 -6.44
CA LEU B 61 4.21 21.62 -5.03
C LEU B 61 4.05 20.25 -4.40
N VAL B 62 3.46 19.33 -5.13
CA VAL B 62 3.22 17.97 -4.60
C VAL B 62 4.56 17.19 -4.49
N ALA B 63 5.39 17.26 -5.54
CA ALA B 63 6.76 16.74 -5.49
C ALA B 63 7.56 17.33 -4.32
N GLU B 64 7.46 18.62 -4.08
CA GLU B 64 8.12 19.18 -2.89
C GLU B 64 7.62 18.62 -1.56
N ALA B 65 6.29 18.51 -1.41
CA ALA B 65 5.71 17.84 -0.23
C ALA B 65 6.16 16.35 -0.10
N TYR B 66 6.18 15.63 -1.22
CA TYR B 66 6.58 14.24 -1.29
C TYR B 66 8.03 14.13 -0.82
N LEU B 67 8.90 14.99 -1.32
CA LEU B 67 10.30 15.03 -0.92
C LEU B 67 10.55 15.32 0.54
N ALA B 68 9.79 16.28 1.09
CA ALA B 68 9.82 16.62 2.49
C ALA B 68 9.39 15.40 3.31
N VAL B 69 8.32 14.71 2.92
CA VAL B 69 7.75 13.68 3.76
C VAL B 69 8.72 12.47 3.81
N THR B 70 9.13 12.00 2.62
CA THR B 70 10.14 10.96 2.49
C THR B 70 11.47 11.30 3.14
N GLY B 71 11.92 12.54 3.02
CA GLY B 71 13.14 13.01 3.68
C GLY B 71 13.12 12.82 5.18
N ARG B 72 11.97 13.15 5.77
CA ARG B 72 11.77 13.09 7.19
C ARG B 72 11.79 11.67 7.69
N VAL B 73 11.02 10.79 7.04
CA VAL B 73 11.04 9.35 7.34
C VAL B 73 12.49 8.79 7.33
N MET B 74 13.21 9.06 6.24
CA MET B 74 14.61 8.64 6.14
C MET B 74 15.55 9.17 7.20
N ARG B 75 15.36 10.42 7.61
CA ARG B 75 16.14 10.98 8.70
C ARG B 75 15.92 10.20 9.96
N LEU B 76 14.67 9.88 10.22
CA LEU B 76 14.34 9.21 11.45
C LEU B 76 14.86 7.78 11.38
N LEU B 77 14.70 7.13 10.23
CA LEU B 77 15.14 5.72 10.07
C LEU B 77 16.69 5.59 10.10
N ARG B 78 17.40 6.53 9.49
CA ARG B 78 18.86 6.56 9.57
C ARG B 78 19.30 6.78 10.98
N GLY B 79 18.60 7.68 11.67
CA GLY B 79 18.92 8.01 13.06
C GLY B 79 18.87 6.77 13.93
N ALA B 80 17.81 5.96 13.74
CA ALA B 80 17.58 4.80 14.56
C ALA B 80 18.69 3.74 14.32
N ILE B 81 19.09 3.53 13.07
CA ILE B 81 20.29 2.70 12.75
C ILE B 81 21.65 3.24 13.30
N ASP B 82 21.86 4.55 13.22
CA ASP B 82 23.14 5.16 13.62
C ASP B 82 23.41 5.19 15.11
N THR B 83 22.35 5.19 15.91
CA THR B 83 22.48 5.32 17.34
C THR B 83 22.16 3.98 18.03
N ALA B 84 22.00 2.92 17.25
CA ALA B 84 21.82 1.59 17.78
C ALA B 84 23.21 0.96 18.01
N PRO B 85 23.34 0.07 19.05
CA PRO B 85 24.44 -0.92 19.17
C PRO B 85 24.92 -1.41 17.82
N GLY B 86 26.23 -1.59 17.73
CA GLY B 86 26.88 -1.67 16.44
C GLY B 86 26.46 -2.79 15.52
N GLY B 87 25.92 -3.88 16.08
CA GLY B 87 25.69 -5.13 15.33
C GLY B 87 24.48 -5.14 14.41
N ALA B 88 24.40 -6.10 13.49
CA ALA B 88 23.34 -6.04 12.43
C ALA B 88 21.90 -6.17 12.98
N ARG B 89 21.68 -7.09 13.95
CA ARG B 89 20.34 -7.35 14.53
C ARG B 89 19.90 -6.21 15.44
N PRO B 90 20.80 -5.67 16.28
CA PRO B 90 20.38 -4.51 17.07
C PRO B 90 19.97 -3.27 16.21
N ARG B 91 20.70 -3.01 15.12
CA ARG B 91 20.39 -1.99 14.11
C ARG B 91 19.05 -2.25 13.38
N LEU B 92 18.81 -3.49 12.96
CA LEU B 92 17.52 -3.85 12.39
C LEU B 92 16.36 -3.67 13.41
N SER B 93 16.55 -4.11 14.66
CA SER B 93 15.56 -3.93 15.73
C SER B 93 15.26 -2.51 16.03
N ALA B 94 16.26 -1.65 15.98
CA ALA B 94 16.05 -0.23 16.18
C ALA B 94 15.24 0.31 14.99
N PHE B 95 15.61 -0.04 13.75
CA PHE B 95 14.80 0.26 12.55
C PHE B 95 13.34 -0.14 12.71
N PHE B 96 13.07 -1.37 13.14
CA PHE B 96 11.69 -1.86 13.35
C PHE B 96 10.95 -1.04 14.40
N GLU B 97 11.59 -0.84 15.54
CA GLU B 97 11.03 0.05 16.59
C GLU B 97 10.70 1.45 16.08
N ALA B 98 11.65 2.09 15.38
CA ALA B 98 11.32 3.39 14.78
C ALA B 98 10.12 3.30 13.83
N SER B 99 10.08 2.21 13.06
CA SER B 99 9.04 2.00 12.05
C SER B 99 7.61 1.90 12.59
N PHE B 100 7.47 1.44 13.83
CA PHE B 100 6.17 1.21 14.44
C PHE B 100 5.95 2.14 15.65
N SER B 101 6.82 3.14 15.78
CA SER B 101 6.67 4.22 16.73
C SER B 101 5.58 5.14 16.22
N ALA B 102 5.00 5.91 17.12
CA ALA B 102 3.94 6.87 16.81
C ALA B 102 4.31 7.89 15.72
N GLU B 103 5.57 8.25 15.65
CA GLU B 103 6.08 9.19 14.64
C GLU B 103 5.88 8.63 13.20
N LEU B 104 6.43 7.47 12.92
CA LEU B 104 6.28 6.85 11.58
C LEU B 104 4.97 6.06 11.43
N LEU B 105 4.31 5.72 12.55
CA LEU B 105 3.05 4.96 12.45
C LEU B 105 1.83 5.88 12.50
N ASP B 106 2.05 7.19 12.50
CA ASP B 106 0.97 8.20 12.50
C ASP B 106 -0.01 8.00 11.36
N PRO B 107 -1.25 7.58 11.69
CA PRO B 107 -2.19 7.29 10.62
C PRO B 107 -2.65 8.56 9.89
N GLN B 108 -2.36 9.74 10.43
CA GLN B 108 -2.82 10.96 9.78
C GLN B 108 -2.29 11.12 8.40
N LEU B 109 -1.06 10.69 8.18
CA LEU B 109 -0.40 10.89 6.90
C LEU B 109 -0.77 9.86 5.82
N LEU B 110 -1.50 8.79 6.17
CA LEU B 110 -1.86 7.73 5.23
C LEU B 110 -2.43 8.33 3.96
N ASP B 111 -3.35 9.27 4.15
CA ASP B 111 -4.02 9.94 3.06
C ASP B 111 -3.05 10.63 2.09
N ALA B 112 -1.96 11.18 2.67
CA ALA B 112 -0.94 11.89 1.90
C ALA B 112 -0.16 10.91 1.01
N TRP B 113 0.31 9.81 1.59
CA TRP B 113 0.98 8.76 0.81
C TRP B 113 0.10 8.18 -0.29
N LEU B 114 -1.19 7.99 0.02
CA LEU B 114 -2.09 7.46 -0.96
C LEU B 114 -2.23 8.40 -2.19
N ALA B 115 -2.22 9.69 -1.91
CA ALA B 115 -2.30 10.72 -2.94
C ALA B 115 -0.99 10.76 -3.75
N PHE B 116 0.18 10.65 -3.09
CA PHE B 116 1.49 10.59 -3.81
C PHE B 116 1.61 9.39 -4.76
N TRP B 117 1.23 8.24 -4.25
CA TRP B 117 1.27 7.03 -4.99
C TRP B 117 0.35 7.02 -6.20
N GLY B 118 -0.77 7.76 -6.14
CA GLY B 118 -1.64 7.88 -7.30
C GLY B 118 -1.05 8.80 -8.35
N ALA B 119 -0.32 9.82 -7.92
CA ALA B 119 0.36 10.72 -8.82
C ALA B 119 1.61 10.07 -9.48
N VAL B 120 2.13 8.96 -8.91
CA VAL B 120 3.37 8.37 -9.36
C VAL B 120 3.24 7.90 -10.83
N GLY B 121 2.11 7.31 -11.19
CA GLY B 121 1.98 6.68 -12.51
C GLY B 121 1.78 7.63 -13.70
N SER B 122 1.15 8.76 -13.41
CA SER B 122 0.86 9.77 -14.41
C SER B 122 1.75 11.00 -14.39
N ILE B 123 2.48 11.29 -13.30
CA ILE B 123 3.34 12.50 -13.27
C ILE B 123 4.77 12.06 -13.08
N GLU B 124 5.62 12.24 -14.10
CA GLU B 124 6.94 11.61 -14.11
C GLU B 124 7.86 12.15 -13.00
N ALA B 125 7.73 13.45 -12.71
CA ALA B 125 8.45 14.09 -11.62
C ALA B 125 8.16 13.46 -10.27
N ILE B 126 6.90 13.12 -10.03
CA ILE B 126 6.50 12.41 -8.81
C ILE B 126 7.00 10.96 -8.80
N GLY B 127 6.92 10.34 -9.99
CA GLY B 127 7.52 9.07 -10.27
C GLY B 127 8.98 9.00 -9.90
N ARG B 128 9.71 10.06 -10.23
CA ARG B 128 11.12 10.09 -9.97
C ARG B 128 11.40 10.32 -8.47
N VAL B 129 10.53 11.06 -7.77
CA VAL B 129 10.66 11.17 -6.32
C VAL B 129 10.47 9.78 -5.72
N HIS B 130 9.45 9.03 -6.14
CA HIS B 130 9.26 7.69 -5.67
C HIS B 130 10.48 6.77 -5.87
N ASP B 131 10.99 6.74 -7.08
CA ASP B 131 12.06 5.82 -7.41
C ASP B 131 13.29 6.12 -6.58
N HIS B 132 13.59 7.41 -6.45
CA HIS B 132 14.75 7.81 -5.72
C HIS B 132 14.67 7.48 -4.23
N SER B 133 13.50 7.73 -3.62
CA SER B 133 13.38 7.60 -2.21
C SER B 133 13.22 6.16 -1.81
N TYR B 134 12.49 5.41 -2.63
CA TYR B 134 12.44 3.96 -2.42
C TYR B 134 13.87 3.35 -2.60
N GLY B 135 14.62 3.81 -3.57
CA GLY B 135 16.04 3.46 -3.72
C GLY B 135 16.90 3.67 -2.47
N GLU B 136 16.67 4.78 -1.79
CA GLU B 136 17.44 5.14 -0.61
C GLU B 136 17.01 4.33 0.60
N TYR B 137 15.71 4.09 0.70
CA TYR B 137 15.13 3.29 1.76
C TYR B 137 15.71 1.85 1.71
N ARG B 138 15.63 1.25 0.54
CA ARG B 138 16.24 -0.09 0.31
C ARG B 138 17.77 -0.12 0.50
N ALA B 139 18.50 0.90 0.03
CA ALA B 139 19.97 0.96 0.19
C ALA B 139 20.30 0.88 1.68
N LEU B 140 19.52 1.57 2.53
CA LEU B 140 19.75 1.51 3.99
C LEU B 140 19.63 0.09 4.51
N LEU B 141 18.58 -0.60 4.05
CA LEU B 141 18.31 -1.97 4.47
C LEU B 141 19.31 -2.94 3.83
N VAL B 142 19.79 -2.68 2.61
CA VAL B 142 20.79 -3.57 2.05
C VAL B 142 22.11 -3.53 2.81
N GLY B 143 22.52 -2.35 3.30
CA GLY B 143 23.76 -2.21 4.07
C GLY B 143 23.74 -3.03 5.34
N VAL B 144 22.61 -3.02 6.05
CA VAL B 144 22.54 -3.80 7.29
C VAL B 144 22.30 -5.32 7.02
N LEU B 145 21.61 -5.68 5.94
CA LEU B 145 21.43 -7.07 5.57
C LEU B 145 22.74 -7.69 5.12
N ARG B 146 23.62 -6.86 4.54
CA ARG B 146 24.97 -7.27 4.23
C ARG B 146 25.84 -7.46 5.42
N GLN B 147 25.73 -6.56 6.39
CA GLN B 147 26.37 -6.77 7.70
C GLN B 147 25.91 -8.08 8.32
N LEU B 148 24.60 -8.29 8.34
CA LEU B 148 24.01 -9.55 8.78
C LEU B 148 24.58 -10.78 8.11
N ALA B 149 24.66 -10.72 6.80
CA ALA B 149 25.22 -11.79 5.98
C ALA B 149 26.70 -12.09 6.30
N GLU B 150 27.49 -11.03 6.46
CA GLU B 150 28.90 -11.13 6.87
C GLU B 150 29.04 -11.77 8.29
N GLU B 151 28.27 -11.29 9.26
CA GLU B 151 28.18 -11.93 10.60
C GLU B 151 27.87 -13.44 10.50
N GLY B 152 27.10 -13.79 9.46
CA GLY B 152 26.57 -15.15 9.20
C GLY B 152 27.30 -16.36 8.65
N GLY B 153 28.40 -16.35 7.94
CA GLY B 153 28.78 -15.50 6.91
C GLY B 153 28.21 -16.28 5.71
N TRP B 154 27.17 -15.69 5.13
CA TRP B 154 26.40 -16.29 4.03
C TRP B 154 27.15 -16.09 2.73
N ALA B 155 27.36 -17.18 2.02
CA ALA B 155 28.21 -17.23 0.82
C ALA B 155 27.74 -16.30 -0.33
N ASP B 156 26.56 -16.50 -0.87
CA ASP B 156 26.09 -15.49 -1.86
C ASP B 156 24.67 -15.10 -1.62
N PHE B 157 24.56 -14.07 -0.82
CA PHE B 157 23.35 -13.59 -0.37
C PHE B 157 23.06 -12.44 -1.32
N ASP B 158 21.83 -12.43 -1.84
CA ASP B 158 21.34 -11.30 -2.64
C ASP B 158 20.61 -10.46 -1.64
N ALA B 159 21.41 -9.58 -1.01
CA ALA B 159 20.96 -8.58 -0.07
C ALA B 159 20.02 -7.58 -0.72
N GLU B 160 20.14 -7.36 -2.04
CA GLU B 160 19.21 -6.47 -2.78
C GLU B 160 17.77 -7.03 -2.84
N LEU B 161 17.65 -8.31 -3.15
CA LEU B 161 16.38 -8.97 -3.18
C LEU B 161 15.79 -9.13 -1.81
N ALA B 162 16.65 -9.48 -0.83
CA ALA B 162 16.28 -9.51 0.59
C ALA B 162 15.73 -8.17 1.05
N ALA B 163 16.35 -7.08 0.63
CA ALA B 163 15.90 -5.75 1.03
C ALA B 163 14.52 -5.39 0.39
N ILE B 164 14.26 -5.80 -0.84
CA ILE B 164 12.97 -5.65 -1.42
C ILE B 164 11.91 -6.42 -0.60
N SER B 165 12.25 -7.60 -0.09
CA SER B 165 11.31 -8.41 0.67
C SER B 165 10.95 -7.74 1.99
N LEU B 166 11.98 -7.36 2.72
CA LEU B 166 11.80 -6.68 3.96
C LEU B 166 11.05 -5.29 3.83
N SER B 167 11.41 -4.47 2.85
CA SER B 167 10.66 -3.24 2.55
C SER B 167 9.20 -3.51 2.24
N ALA B 168 8.95 -4.52 1.41
CA ALA B 168 7.61 -4.93 1.11
C ALA B 168 6.79 -5.29 2.37
N LEU B 169 7.39 -6.04 3.30
CA LEU B 169 6.74 -6.45 4.54
C LEU B 169 6.39 -5.25 5.42
N LEU B 170 7.35 -4.34 5.58
CA LEU B 170 7.19 -3.08 6.30
C LEU B 170 6.11 -2.21 5.74
N ASP B 171 6.15 -2.00 4.42
CA ASP B 171 5.10 -1.27 3.67
C ASP B 171 3.74 -1.82 3.91
N GLY B 172 3.62 -3.13 3.68
CA GLY B 172 2.37 -3.87 3.87
C GLY B 172 1.83 -3.71 5.26
N LEU B 173 2.69 -3.88 6.26
CA LEU B 173 2.32 -3.69 7.65
C LEU B 173 1.93 -2.25 8.01
N TRP B 174 2.68 -1.29 7.46
CA TRP B 174 2.37 0.10 7.70
C TRP B 174 0.97 0.44 7.12
N LEU B 175 0.69 -0.03 5.91
CA LEU B 175 -0.57 0.18 5.24
C LEU B 175 -1.74 -0.45 6.02
N GLU B 176 -1.59 -1.69 6.45
CA GLU B 176 -2.63 -2.29 7.25
C GLU B 176 -2.87 -1.64 8.61
N SER B 177 -1.83 -1.12 9.27
CA SER B 177 -2.00 -0.41 10.53
C SER B 177 -2.89 0.76 10.30
N GLY B 178 -2.65 1.51 9.22
CA GLY B 178 -3.42 2.67 8.90
C GLY B 178 -4.82 2.38 8.39
N LEU B 179 -5.01 1.37 7.56
CA LEU B 179 -6.38 1.02 7.13
C LEU B 179 -7.29 0.46 8.26
N ASN B 180 -6.68 -0.27 9.18
CA ASN B 180 -7.38 -0.72 10.37
C ASN B 180 -6.39 -0.89 11.54
N PRO B 181 -6.29 0.14 12.40
CA PRO B 181 -5.33 0.06 13.52
C PRO B 181 -5.62 -1.08 14.48
N ALA B 182 -6.80 -1.70 14.42
CA ALA B 182 -7.09 -2.81 15.32
C ALA B 182 -6.53 -4.16 14.89
N THR B 183 -6.06 -4.31 13.67
CA THR B 183 -5.72 -5.66 13.19
C THR B 183 -4.59 -6.29 14.04
N PHE B 184 -3.56 -5.50 14.35
CA PHE B 184 -2.44 -5.98 15.11
C PHE B 184 -1.80 -4.76 15.73
N THR B 185 -1.15 -4.95 16.88
CA THR B 185 -0.51 -3.86 17.63
C THR B 185 0.86 -3.48 17.01
N PRO B 186 1.33 -2.25 17.24
CA PRO B 186 2.72 -1.91 16.96
C PRO B 186 3.75 -2.94 17.47
N ARG B 187 3.59 -3.47 18.67
CA ARG B 187 4.50 -4.51 19.19
C ARG B 187 4.53 -5.74 18.27
N GLN B 188 3.34 -6.20 17.89
CA GLN B 188 3.22 -7.28 16.95
C GLN B 188 3.89 -7.03 15.59
N GLY B 189 3.88 -5.80 15.09
CA GLY B 189 4.55 -5.44 13.84
C GLY B 189 6.06 -5.64 13.94
N VAL B 190 6.63 -5.14 15.03
CA VAL B 190 8.05 -5.44 15.38
C VAL B 190 8.27 -6.95 15.43
N GLN B 191 7.44 -7.65 16.17
CA GLN B 191 7.51 -9.10 16.28
C GLN B 191 7.51 -9.80 14.94
N ILE B 192 6.61 -9.40 14.05
CA ILE B 192 6.56 -9.94 12.67
C ILE B 192 7.89 -9.70 11.93
N CYS B 193 8.47 -8.52 12.14
CA CYS B 193 9.70 -8.18 11.45
C CYS B 193 10.88 -8.92 11.97
N GLU B 194 10.98 -9.04 13.28
CA GLU B 194 12.00 -9.88 13.88
C GLU B 194 11.86 -11.30 13.41
N ALA B 195 10.62 -11.77 13.27
CA ALA B 195 10.37 -13.16 12.86
C ALA B 195 10.86 -13.44 11.44
N TRP B 196 10.75 -12.42 10.59
CA TRP B 196 11.28 -12.48 9.25
C TRP B 196 12.82 -12.64 9.22
N VAL B 197 13.49 -11.79 9.98
CA VAL B 197 14.96 -11.91 10.14
C VAL B 197 15.35 -13.25 10.69
N ASP B 198 14.59 -13.74 11.69
CA ASP B 198 14.82 -15.07 12.24
C ASP B 198 14.78 -16.10 11.13
N GLY B 199 13.75 -16.01 10.30
CA GLY B 199 13.59 -16.86 9.13
C GLY B 199 14.79 -16.92 8.20
N LEU B 200 15.26 -15.77 7.76
CA LEU B 200 16.56 -15.67 7.09
C LEU B 200 17.67 -16.37 7.80
N GLU B 201 17.90 -16.02 9.05
CA GLU B 201 18.99 -16.59 9.81
C GLU B 201 18.89 -18.12 9.99
N ALA B 202 17.65 -18.63 10.02
CA ALA B 202 17.40 -20.06 10.21
C ALA B 202 17.70 -20.85 8.96
N GLY B 203 17.75 -20.18 7.81
CA GLY B 203 18.24 -20.80 6.57
C GLY B 203 17.59 -20.26 5.29
N ALA B 204 16.56 -19.42 5.44
CA ALA B 204 15.89 -18.81 4.34
C ALA B 204 16.76 -17.90 3.46
N HIS B 205 17.90 -17.47 3.99
CA HIS B 205 18.89 -16.70 3.26
C HIS B 205 19.39 -17.48 2.01
N ARG B 206 19.34 -18.83 2.08
CA ARG B 206 19.63 -19.70 0.93
C ARG B 206 18.70 -19.55 -0.29
N ARG B 207 17.45 -19.19 -0.07
CA ARG B 207 16.57 -18.90 -1.17
C ARG B 207 16.97 -17.56 -1.86
N PHE B 208 17.68 -16.67 -1.18
CA PHE B 208 18.15 -15.44 -1.83
C PHE B 208 19.48 -15.63 -2.61
N ARG B 209 19.35 -16.41 -3.69
CA ARG B 209 20.37 -16.59 -4.76
C ARG B 209 19.82 -16.87 -6.21
N ARG B 210 18.50 -17.20 -6.39
CA ARG B 210 17.97 -17.67 -7.75
C ARG B 210 16.52 -17.29 -8.20
#